data_3RPW
#
_entry.id   3RPW
#
_cell.length_a   80.711
_cell.length_b   80.711
_cell.length_c   109.650
_cell.angle_alpha   90.00
_cell.angle_beta   90.00
_cell.angle_gamma   120.00
#
_symmetry.space_group_name_H-M   'P 31 2 1'
#
loop_
_entity.id
_entity.type
_entity.pdbx_description
1 polymer 'ABC transporter'
2 non-polymer GLYCEROL
3 non-polymer 'FORMIC ACID'
4 non-polymer UREA
5 water water
#
_entity_poly.entity_id   1
_entity_poly.type   'polypeptide(L)'
_entity_poly.pdbx_seq_one_letter_code
;SNA(MSE)LGLKRFRLPALASAAFIALGAGTAAAQSNVVI(MSE)QDPGGGYGDALRKV(MSE)YDPFEKETGIKVVTVQ
EARSGPRIKAQAEAGKAQWDLTFIFDQETKLLGDCCLADIDYSKLSESAHKTLAA(MSE)PDNLKRKKGVALQVIGVGLV
YNKDKFKGDKAPQTWADFWDVKKFPGRRC(MSE)PAWPRFTFEAAL(MSE)ADGVTKDKLYPID(MSE)DRALKKLKEIK
PHVVKWWTTAAQPPQLILDGEAD(MSE)CLAYTGS(MSE)SKLALEGAPIDLTFNQGFVYYDFFSIPKGAPNYDNALKLL
SWRLDPKRAAQLTSTFPVALPSKVVFDAATDKNIARYWANNPENVAKAIEWSPDFWGAPSPAGNSTNEEYGQEKLNA
(MSE)LAQ
;
_entity_poly.pdbx_strand_id   A
#
# COMPACT_ATOMS: atom_id res chain seq x y z
N GLN A 31 -28.05 0.05 -7.09
CA GLN A 31 -28.59 1.06 -8.00
C GLN A 31 -28.64 0.54 -9.44
N SER A 32 -29.04 1.41 -10.36
CA SER A 32 -29.19 1.01 -11.76
CA SER A 32 -29.19 1.03 -11.76
C SER A 32 -27.84 0.97 -12.48
N ASN A 33 -26.83 1.59 -11.90
CA ASN A 33 -25.56 1.71 -12.62
C ASN A 33 -24.44 1.85 -11.60
N VAL A 34 -23.58 0.83 -11.51
CA VAL A 34 -22.57 0.78 -10.45
C VAL A 34 -21.20 0.32 -10.95
N VAL A 35 -20.20 0.56 -10.13
CA VAL A 35 -18.89 -0.03 -10.33
C VAL A 35 -18.40 -0.42 -8.95
N ILE A 36 -17.86 -1.62 -8.83
CA ILE A 36 -17.50 -2.17 -7.52
CA ILE A 36 -17.50 -2.13 -7.50
C ILE A 36 -15.99 -2.02 -7.32
N GLN A 38 -12.55 -1.82 -4.89
CA GLN A 38 -11.86 -2.15 -3.64
C GLN A 38 -11.43 -0.86 -2.94
N ASP A 39 -11.41 -0.86 -1.60
CA ASP A 39 -11.09 0.37 -0.86
C ASP A 39 -10.33 0.05 0.42
N PRO A 40 -9.37 0.91 0.80
CA PRO A 40 -8.56 0.64 2.00
C PRO A 40 -9.24 1.08 3.30
N GLY A 41 -10.31 1.86 3.17
CA GLY A 41 -10.92 2.48 4.35
C GLY A 41 -10.01 3.52 5.00
N GLY A 42 -10.33 3.87 6.24
CA GLY A 42 -9.54 4.87 6.94
C GLY A 42 -9.60 6.25 6.31
N GLY A 43 -8.67 7.11 6.69
CA GLY A 43 -8.61 8.47 6.19
C GLY A 43 -8.42 8.53 4.68
N TYR A 44 -7.66 7.59 4.13
CA TYR A 44 -7.42 7.62 2.69
C TYR A 44 -8.71 7.27 1.95
N GLY A 45 -9.45 6.28 2.45
CA GLY A 45 -10.76 6.00 1.90
C GLY A 45 -11.66 7.24 1.91
N ASP A 46 -11.61 8.02 2.97
CA ASP A 46 -12.43 9.23 3.02
C ASP A 46 -12.03 10.21 1.92
N ALA A 47 -10.74 10.41 1.74
CA ALA A 47 -10.21 11.31 0.72
C ALA A 47 -10.64 10.84 -0.67
N LEU A 48 -10.49 9.53 -0.91
CA LEU A 48 -10.91 8.94 -2.18
C LEU A 48 -12.39 9.19 -2.46
N ARG A 49 -13.22 9.01 -1.44
CA ARG A 49 -14.66 9.23 -1.62
C ARG A 49 -14.95 10.69 -1.98
N LYS A 50 -14.30 11.61 -1.29
CA LYS A 50 -14.53 13.03 -1.48
C LYS A 50 -14.02 13.58 -2.82
N VAL A 51 -12.81 13.20 -3.22
CA VAL A 51 -12.17 13.78 -4.40
C VAL A 51 -12.49 12.99 -5.66
N TYR A 53 -14.65 9.56 -5.85
CA TYR A 53 -15.81 8.70 -6.11
C TYR A 53 -17.15 9.43 -6.12
N ASP A 54 -17.38 10.36 -5.20
CA ASP A 54 -18.61 11.13 -5.30
C ASP A 54 -18.67 11.99 -6.58
N PRO A 55 -17.59 12.71 -6.90
CA PRO A 55 -17.57 13.46 -8.16
C PRO A 55 -17.78 12.56 -9.38
N PHE A 56 -17.20 11.37 -9.38
CA PHE A 56 -17.40 10.41 -10.49
C PHE A 56 -18.88 10.08 -10.68
N GLU A 57 -19.58 9.82 -9.59
CA GLU A 57 -21.00 9.48 -9.68
CA GLU A 57 -21.01 9.50 -9.66
C GLU A 57 -21.81 10.67 -10.20
N LYS A 58 -21.48 11.87 -9.73
CA LYS A 58 -22.20 13.06 -10.18
C LYS A 58 -22.04 13.27 -11.69
N GLU A 59 -20.83 13.05 -12.19
CA GLU A 59 -20.54 13.30 -13.60
C GLU A 59 -21.08 12.20 -14.52
N THR A 60 -20.93 10.94 -14.11
CA THR A 60 -21.22 9.83 -15.01
C THR A 60 -22.53 9.10 -14.73
N GLY A 61 -23.10 9.29 -13.55
CA GLY A 61 -24.27 8.53 -13.12
C GLY A 61 -23.97 7.17 -12.54
N ILE A 62 -22.68 6.80 -12.50
CA ILE A 62 -22.27 5.49 -12.02
C ILE A 62 -21.92 5.59 -10.54
N LYS A 63 -22.66 4.86 -9.71
CA LYS A 63 -22.38 4.83 -8.28
C LYS A 63 -21.16 3.96 -7.99
N VAL A 64 -20.23 4.50 -7.20
CA VAL A 64 -19.08 3.70 -6.82
C VAL A 64 -19.38 3.01 -5.51
N VAL A 65 -19.50 1.69 -5.59
CA VAL A 65 -19.76 0.88 -4.41
C VAL A 65 -18.40 0.41 -3.91
N THR A 66 -17.98 0.90 -2.75
CA THR A 66 -16.66 0.55 -2.24
C THR A 66 -16.74 -0.66 -1.32
N VAL A 67 -15.79 -1.56 -1.47
CA VAL A 67 -15.72 -2.74 -0.64
C VAL A 67 -14.38 -2.71 0.08
N GLN A 68 -14.42 -2.61 1.40
CA GLN A 68 -13.19 -2.47 2.17
C GLN A 68 -12.47 -3.81 2.22
N GLU A 69 -11.23 -3.81 1.77
CA GLU A 69 -10.45 -5.02 1.72
C GLU A 69 -8.99 -4.66 1.57
N ALA A 70 -8.16 -5.21 2.46
CA ALA A 70 -6.73 -4.90 2.47
C ALA A 70 -5.90 -5.90 1.67
N ARG A 71 -6.47 -7.04 1.30
CA ARG A 71 -5.73 -8.02 0.49
C ARG A 71 -6.63 -8.76 -0.44
N SER A 72 -6.79 -8.21 -1.64
CA SER A 72 -7.76 -8.75 -2.58
C SER A 72 -7.25 -9.91 -3.42
N GLY A 73 -5.92 -10.03 -3.56
CA GLY A 73 -5.37 -11.03 -4.48
C GLY A 73 -5.93 -12.44 -4.30
N PRO A 74 -5.86 -12.97 -3.08
CA PRO A 74 -6.37 -14.32 -2.81
C PRO A 74 -7.87 -14.42 -3.04
N ARG A 75 -8.58 -13.32 -2.81
CA ARG A 75 -10.02 -13.25 -3.01
C ARG A 75 -10.41 -13.23 -4.48
N ILE A 76 -9.68 -12.47 -5.29
CA ILE A 76 -9.88 -12.50 -6.74
C ILE A 76 -9.68 -13.92 -7.28
N LYS A 77 -8.64 -14.59 -6.80
CA LYS A 77 -8.34 -15.94 -7.28
C LYS A 77 -9.47 -16.89 -6.89
N ALA A 78 -9.90 -16.82 -5.63
CA ALA A 78 -10.98 -17.70 -5.16
C ALA A 78 -12.29 -17.46 -5.88
N GLN A 79 -12.60 -16.18 -6.12
CA GLN A 79 -13.82 -15.85 -6.84
C GLN A 79 -13.78 -16.35 -8.28
N ALA A 80 -12.61 -16.24 -8.91
CA ALA A 80 -12.47 -16.72 -10.29
C ALA A 80 -12.68 -18.23 -10.38
N GLU A 81 -12.19 -18.95 -9.37
CA GLU A 81 -12.37 -20.41 -9.33
C GLU A 81 -13.83 -20.79 -9.07
N ALA A 82 -14.53 -19.97 -8.28
CA ALA A 82 -15.93 -20.22 -7.96
C ALA A 82 -16.82 -19.95 -9.16
N GLY A 83 -16.34 -19.11 -10.07
CA GLY A 83 -17.02 -18.92 -11.34
C GLY A 83 -17.34 -17.49 -11.76
N LYS A 84 -17.44 -16.57 -10.81
CA LYS A 84 -17.85 -15.23 -11.17
C LYS A 84 -17.21 -14.14 -10.31
N ALA A 85 -16.46 -13.24 -10.96
CA ALA A 85 -15.86 -12.12 -10.26
C ALA A 85 -16.95 -11.28 -9.64
N GLN A 86 -16.68 -10.79 -8.44
CA GLN A 86 -17.61 -9.93 -7.71
C GLN A 86 -17.18 -8.48 -7.79
N TRP A 87 -15.93 -8.24 -8.17
CA TRP A 87 -15.39 -6.89 -8.14
C TRP A 87 -14.99 -6.40 -9.52
N ASP A 88 -14.95 -5.08 -9.66
CA ASP A 88 -14.60 -4.45 -10.92
C ASP A 88 -13.20 -3.87 -10.97
N LEU A 89 -12.80 -3.20 -9.90
CA LEU A 89 -11.51 -2.54 -9.90
C LEU A 89 -10.86 -2.80 -8.55
N THR A 90 -9.64 -3.33 -8.58
CA THR A 90 -8.95 -3.78 -7.39
C THR A 90 -7.55 -3.22 -7.38
N PHE A 91 -6.90 -3.23 -6.22
CA PHE A 91 -5.48 -2.89 -6.15
C PHE A 91 -4.73 -4.10 -5.60
N ILE A 92 -3.62 -4.44 -6.26
CA ILE A 92 -2.89 -5.66 -5.95
C ILE A 92 -1.40 -5.36 -6.10
N PHE A 93 -0.56 -6.27 -5.59
CA PHE A 93 0.88 -6.10 -5.67
C PHE A 93 1.46 -6.45 -7.03
N ASP A 94 2.65 -5.93 -7.27
CA ASP A 94 3.40 -6.18 -8.50
C ASP A 94 3.35 -7.66 -8.85
N GLN A 95 3.78 -8.51 -7.92
CA GLN A 95 3.85 -9.95 -8.21
C GLN A 95 2.48 -10.56 -8.49
N GLU A 96 1.41 -9.96 -7.94
CA GLU A 96 0.07 -10.48 -8.19
C GLU A 96 -0.42 -10.20 -9.62
N THR A 97 0.07 -9.14 -10.26
CA THR A 97 -0.33 -8.94 -11.66
C THR A 97 0.19 -10.10 -12.50
N LYS A 98 1.33 -10.66 -12.08
CA LYS A 98 1.90 -11.80 -12.78
C LYS A 98 1.23 -13.13 -12.37
N LEU A 99 1.09 -13.33 -11.08
CA LEU A 99 0.54 -14.58 -10.56
C LEU A 99 -0.90 -14.80 -10.99
N LEU A 100 -1.66 -13.70 -11.08
CA LEU A 100 -3.09 -13.78 -11.35
C LEU A 100 -3.43 -13.45 -12.80
N GLY A 101 -2.44 -13.05 -13.59
CA GLY A 101 -2.70 -12.54 -14.92
C GLY A 101 -3.46 -13.49 -15.83
N ASP A 102 -2.93 -14.69 -16.01
CA ASP A 102 -3.53 -15.64 -16.93
CA ASP A 102 -3.53 -15.65 -16.92
C ASP A 102 -4.86 -16.19 -16.43
N CYS A 103 -4.93 -16.51 -15.15
CA CYS A 103 -6.13 -17.15 -14.61
C CYS A 103 -7.28 -16.17 -14.37
N CYS A 104 -6.96 -14.95 -13.96
CA CYS A 104 -7.92 -14.20 -13.17
C CYS A 104 -8.05 -12.71 -13.48
N LEU A 105 -7.17 -12.15 -14.30
CA LEU A 105 -7.25 -10.72 -14.57
C LEU A 105 -7.55 -10.42 -16.04
N ALA A 106 -8.38 -9.40 -16.26
CA ALA A 106 -8.68 -8.97 -17.61
C ALA A 106 -7.59 -8.05 -18.16
N ASP A 107 -7.43 -8.07 -19.48
CA ASP A 107 -6.63 -7.02 -20.10
C ASP A 107 -7.32 -5.69 -19.86
N ILE A 108 -6.51 -4.67 -19.59
CA ILE A 108 -6.99 -3.29 -19.54
C ILE A 108 -7.02 -2.73 -20.96
N ASP A 109 -8.18 -2.24 -21.39
CA ASP A 109 -8.29 -1.68 -22.72
C ASP A 109 -7.83 -0.22 -22.68
N TYR A 110 -6.54 0.01 -22.89
CA TYR A 110 -5.99 1.35 -22.75
C TYR A 110 -6.57 2.32 -23.77
N SER A 111 -7.05 1.80 -24.90
CA SER A 111 -7.69 2.65 -25.92
C SER A 111 -8.97 3.33 -25.42
N LYS A 112 -9.57 2.80 -24.36
CA LYS A 112 -10.79 3.39 -23.81
C LYS A 112 -10.54 4.47 -22.77
N LEU A 113 -9.28 4.64 -22.35
CA LEU A 113 -8.96 5.69 -21.38
C LEU A 113 -8.99 7.06 -22.03
N SER A 114 -9.28 8.09 -21.24
CA SER A 114 -9.44 9.44 -21.75
C SER A 114 -8.14 10.04 -22.27
N GLU A 115 -8.26 11.12 -23.02
CA GLU A 115 -7.08 11.85 -23.48
C GLU A 115 -6.21 12.33 -22.31
N SER A 116 -6.86 12.81 -21.25
CA SER A 116 -6.13 13.27 -20.06
CA SER A 116 -6.09 13.28 -20.10
C SER A 116 -5.39 12.12 -19.39
N ALA A 117 -6.05 10.97 -19.29
CA ALA A 117 -5.42 9.79 -18.71
C ALA A 117 -4.19 9.38 -19.49
N HIS A 118 -4.24 9.52 -20.82
CA HIS A 118 -3.08 9.19 -21.63
C HIS A 118 -1.91 10.13 -21.41
N LYS A 119 -2.19 11.37 -21.02
CA LYS A 119 -1.11 12.28 -20.68
C LYS A 119 -0.41 11.81 -19.41
N THR A 120 -1.20 11.37 -18.44
CA THR A 120 -0.62 10.81 -17.23
C THR A 120 0.21 9.55 -17.52
N LEU A 121 -0.33 8.67 -18.35
CA LEU A 121 0.36 7.44 -18.69
C LEU A 121 1.66 7.74 -19.42
N ALA A 122 1.65 8.78 -20.24
CA ALA A 122 2.84 9.09 -21.04
C ALA A 122 4.03 9.44 -20.15
N ALA A 123 3.73 10.02 -18.99
CA ALA A 123 4.77 10.44 -18.05
C ALA A 123 4.95 9.46 -16.89
N PRO A 125 6.64 5.57 -15.82
CA PRO A 125 7.62 4.55 -16.19
C PRO A 125 6.95 3.35 -16.86
N ASP A 126 7.64 2.82 -17.86
CA ASP A 126 7.24 1.63 -18.60
C ASP A 126 6.74 0.48 -17.72
N ASN A 127 7.49 0.15 -16.69
CA ASN A 127 7.22 -1.00 -15.84
C ASN A 127 5.94 -0.86 -15.03
N LEU A 128 5.40 0.35 -14.96
CA LEU A 128 4.19 0.59 -14.16
C LEU A 128 2.91 0.53 -14.99
N LYS A 129 3.05 0.36 -16.30
CA LYS A 129 1.90 0.23 -17.18
C LYS A 129 1.92 -1.16 -17.83
N ARG A 130 1.06 -2.05 -17.34
CA ARG A 130 1.08 -3.43 -17.80
C ARG A 130 -0.23 -3.77 -18.46
N LYS A 131 -0.25 -4.88 -19.21
CA LYS A 131 -1.48 -5.30 -19.85
C LYS A 131 -2.57 -5.57 -18.81
N LYS A 132 -2.17 -6.07 -17.65
CA LYS A 132 -3.11 -6.53 -16.63
C LYS A 132 -3.18 -5.61 -15.42
N GLY A 133 -2.45 -4.49 -15.42
CA GLY A 133 -2.52 -3.61 -14.27
C GLY A 133 -1.79 -2.30 -14.48
N VAL A 134 -2.25 -1.25 -13.83
CA VAL A 134 -1.57 0.05 -13.91
C VAL A 134 -1.35 0.60 -12.51
N ALA A 135 -0.12 1.01 -12.21
CA ALA A 135 0.20 1.43 -10.85
C ALA A 135 -0.36 2.84 -10.62
N LEU A 136 -1.35 2.96 -9.74
CA LEU A 136 -1.92 4.28 -9.44
C LEU A 136 -1.46 4.85 -8.10
N GLN A 137 -0.80 4.04 -7.29
CA GLN A 137 -0.42 4.52 -5.96
C GLN A 137 0.96 4.02 -5.61
N VAL A 138 1.75 4.88 -4.98
CA VAL A 138 3.01 4.47 -4.37
CA VAL A 138 3.00 4.44 -4.38
C VAL A 138 2.87 4.56 -2.87
N ILE A 139 3.16 3.45 -2.19
CA ILE A 139 2.94 3.34 -0.76
C ILE A 139 4.26 3.23 -0.01
N GLY A 140 4.36 3.95 1.10
CA GLY A 140 5.49 3.82 2.00
C GLY A 140 5.08 3.11 3.28
N VAL A 141 6.00 2.31 3.83
CA VAL A 141 5.76 1.64 5.09
C VAL A 141 7.04 1.80 5.88
N GLY A 142 6.93 2.27 7.11
CA GLY A 142 8.16 2.55 7.83
C GLY A 142 8.00 2.72 9.33
N LEU A 143 9.12 3.07 9.95
CA LEU A 143 9.19 3.28 11.38
C LEU A 143 8.52 4.58 11.80
N VAL A 144 7.45 4.46 12.58
CA VAL A 144 6.68 5.61 13.02
C VAL A 144 6.66 5.61 14.54
N TYR A 145 6.79 6.77 15.16
CA TYR A 145 6.85 6.80 16.62
C TYR A 145 6.19 8.05 17.21
N ASN A 146 5.80 7.96 18.48
CA ASN A 146 5.28 9.10 19.22
C ASN A 146 6.44 10.01 19.59
N LYS A 147 6.43 11.23 19.06
CA LYS A 147 7.59 12.10 19.22
C LYS A 147 7.57 12.90 20.51
N ASP A 148 6.47 12.78 21.26
CA ASP A 148 6.43 13.31 22.62
C ASP A 148 7.25 12.40 23.51
N LYS A 149 7.04 11.10 23.35
CA LYS A 149 7.68 10.08 24.16
CA LYS A 149 7.69 10.10 24.19
C LYS A 149 9.14 9.85 23.75
N PHE A 150 9.43 10.09 22.48
CA PHE A 150 10.79 9.95 21.96
C PHE A 150 11.22 11.21 21.21
N LYS A 151 11.65 12.21 21.98
CA LYS A 151 12.08 13.47 21.38
C LYS A 151 13.59 13.53 21.17
N GLY A 152 14.02 14.47 20.34
CA GLY A 152 15.45 14.67 20.09
C GLY A 152 16.15 13.46 19.52
N ASP A 153 17.13 12.95 20.26
CA ASP A 153 17.89 11.79 19.82
C ASP A 153 17.56 10.55 20.64
N LYS A 154 16.45 10.61 21.36
CA LYS A 154 15.89 9.43 22.03
C LYS A 154 14.94 8.76 21.04
N ALA A 155 14.91 9.29 19.82
CA ALA A 155 14.03 8.78 18.79
C ALA A 155 14.65 7.59 18.06
N PRO A 156 13.89 6.49 17.96
CA PRO A 156 14.33 5.31 17.20
C PRO A 156 14.53 5.65 15.74
N GLN A 157 15.54 5.06 15.11
CA GLN A 157 15.90 5.37 13.74
C GLN A 157 16.06 4.12 12.86
N THR A 158 16.11 2.95 13.50
CA THR A 158 16.39 1.69 12.81
C THR A 158 15.51 0.58 13.36
N TRP A 159 15.46 -0.57 12.68
CA TRP A 159 14.73 -1.70 13.24
C TRP A 159 15.39 -2.24 14.49
N ALA A 160 16.71 -2.08 14.59
CA ALA A 160 17.40 -2.47 15.81
C ALA A 160 16.87 -1.66 17.00
N ASP A 161 16.64 -0.37 16.79
CA ASP A 161 16.06 0.49 17.82
C ASP A 161 14.65 0.04 18.17
N PHE A 162 13.90 -0.34 17.14
CA PHE A 162 12.54 -0.85 17.30
C PHE A 162 12.53 -2.10 18.20
N TRP A 163 13.57 -2.93 18.10
CA TRP A 163 13.67 -4.13 18.91
C TRP A 163 14.25 -3.88 20.30
N ASP A 164 14.85 -2.70 20.47
CA ASP A 164 15.57 -2.37 21.70
C ASP A 164 14.62 -1.79 22.74
N VAL A 165 13.93 -2.67 23.46
CA VAL A 165 12.90 -2.24 24.42
C VAL A 165 13.53 -1.59 25.66
N LYS A 166 14.80 -1.87 25.88
CA LYS A 166 15.53 -1.23 26.98
C LYS A 166 15.79 0.24 26.69
N LYS A 167 16.44 0.51 25.56
CA LYS A 167 16.82 1.88 25.21
C LYS A 167 15.61 2.72 24.78
N PHE A 168 14.64 2.06 24.15
CA PHE A 168 13.44 2.75 23.70
C PHE A 168 12.20 2.03 24.22
N PRO A 169 11.87 2.22 25.51
CA PRO A 169 10.71 1.56 26.11
C PRO A 169 9.41 1.96 25.44
N GLY A 170 8.44 1.06 25.41
CA GLY A 170 7.14 1.36 24.82
C GLY A 170 6.48 0.18 24.13
N ARG A 171 5.21 0.37 23.76
CA ARG A 171 4.45 -0.67 23.09
C ARG A 171 4.66 -0.57 21.58
N ARG A 172 4.90 -1.72 20.94
CA ARG A 172 5.14 -1.80 19.51
C ARG A 172 3.88 -2.30 18.81
N CYS A 173 3.76 -1.98 17.53
CA CYS A 173 2.74 -2.65 16.71
C CYS A 173 3.32 -2.89 15.32
N PRO A 175 2.49 -5.15 11.33
CA PRO A 175 1.44 -5.83 10.56
C PRO A 175 1.51 -7.36 10.69
N ALA A 176 0.36 -8.02 10.55
CA ALA A 176 0.28 -9.47 10.71
C ALA A 176 0.57 -10.20 9.41
N TRP A 177 1.68 -9.81 8.77
CA TRP A 177 2.08 -10.40 7.49
C TRP A 177 3.56 -10.65 7.53
N PRO A 178 4.04 -11.59 6.71
CA PRO A 178 5.49 -11.79 6.58
C PRO A 178 6.18 -10.62 5.87
N ARG A 179 5.56 -10.03 4.86
CA ARG A 179 6.22 -8.92 4.18
C ARG A 179 6.45 -7.77 5.15
N PHE A 180 7.59 -7.10 5.00
CA PHE A 180 7.99 -5.94 5.81
C PHE A 180 8.45 -6.40 7.19
N THR A 181 7.59 -7.13 7.91
CA THR A 181 7.92 -7.60 9.25
CA THR A 181 7.91 -7.60 9.25
C THR A 181 9.12 -8.55 9.25
N PHE A 182 9.19 -9.46 8.28
CA PHE A 182 10.35 -10.36 8.20
C PHE A 182 11.63 -9.58 7.88
N GLU A 183 11.58 -8.69 6.90
CA GLU A 183 12.72 -7.85 6.54
C GLU A 183 13.18 -7.00 7.72
N ALA A 184 12.22 -6.40 8.41
CA ALA A 184 12.52 -5.58 9.59
C ALA A 184 13.23 -6.43 10.66
N ALA A 185 12.68 -7.63 10.90
CA ALA A 185 13.28 -8.54 11.89
C ALA A 185 14.72 -8.85 11.55
N LEU A 186 14.98 -9.17 10.28
CA LEU A 186 16.32 -9.48 9.83
C LEU A 186 17.25 -8.30 10.02
N ALA A 188 16.87 -5.88 12.23
CA ALA A 188 17.09 -5.70 13.65
C ALA A 188 18.15 -6.67 14.13
N ASP A 189 18.28 -7.79 13.43
CA ASP A 189 19.24 -8.83 13.81
C ASP A 189 20.60 -8.63 13.13
N GLY A 190 20.77 -7.50 12.44
CA GLY A 190 22.06 -7.13 11.90
C GLY A 190 22.26 -7.33 10.41
N VAL A 191 21.25 -7.86 9.72
CA VAL A 191 21.37 -8.03 8.27
C VAL A 191 21.27 -6.68 7.58
N THR A 192 22.18 -6.41 6.66
CA THR A 192 22.19 -5.12 5.97
C THR A 192 21.13 -5.08 4.88
N LYS A 193 20.70 -3.85 4.56
CA LYS A 193 19.57 -3.62 3.65
C LYS A 193 19.71 -4.29 2.27
N ASP A 194 20.94 -4.50 1.84
CA ASP A 194 21.17 -5.05 0.50
C ASP A 194 21.40 -6.56 0.51
N LYS A 195 21.23 -7.21 1.65
CA LYS A 195 21.46 -8.65 1.74
C LYS A 195 20.25 -9.41 2.31
N LEU A 196 19.06 -8.85 2.15
CA LEU A 196 17.89 -9.46 2.77
C LEU A 196 17.37 -10.67 2.02
N TYR A 197 17.53 -10.69 0.70
CA TYR A 197 16.90 -11.71 -0.13
C TYR A 197 17.89 -12.76 -0.65
N PRO A 198 17.46 -14.03 -0.70
CA PRO A 198 16.14 -14.49 -0.24
C PRO A 198 16.06 -14.52 1.28
N ILE A 199 14.85 -14.33 1.80
CA ILE A 199 14.65 -14.16 3.25
C ILE A 199 14.94 -15.42 4.06
N ASP A 200 15.78 -15.27 5.09
CA ASP A 200 16.00 -16.32 6.07
C ASP A 200 14.81 -16.33 7.02
N ASP A 202 13.47 -18.62 9.11
CA ASP A 202 13.66 -19.14 10.46
C ASP A 202 14.31 -18.10 11.37
N ARG A 203 15.30 -17.40 10.84
CA ARG A 203 15.96 -16.33 11.57
C ARG A 203 15.00 -15.19 11.89
N ALA A 204 14.19 -14.80 10.92
CA ALA A 204 13.26 -13.70 11.10
C ALA A 204 12.20 -14.02 12.16
N LEU A 205 11.68 -15.25 12.11
CA LEU A 205 10.65 -15.67 13.06
C LEU A 205 11.19 -15.71 14.49
N LYS A 206 12.42 -16.18 14.65
CA LYS A 206 13.05 -16.18 15.96
C LYS A 206 13.09 -14.78 16.54
N LYS A 207 13.49 -13.81 15.71
CA LYS A 207 13.53 -12.42 16.15
C LYS A 207 12.14 -11.88 16.46
N LEU A 208 11.16 -12.24 15.63
CA LEU A 208 9.81 -11.76 15.87
C LEU A 208 9.26 -12.28 17.20
N LYS A 209 9.63 -13.51 17.57
CA LYS A 209 9.22 -14.06 18.86
C LYS A 209 9.78 -13.23 20.02
N GLU A 210 10.99 -12.71 19.83
CA GLU A 210 11.63 -11.89 20.84
CA GLU A 210 11.64 -11.88 20.83
C GLU A 210 10.86 -10.60 21.12
N ILE A 211 10.29 -10.00 20.07
CA ILE A 211 9.60 -8.74 20.24
C ILE A 211 8.13 -8.96 20.53
N LYS A 212 7.63 -10.14 20.15
CA LYS A 212 6.22 -10.46 20.27
C LYS A 212 5.58 -10.01 21.61
N PRO A 213 6.22 -10.33 22.75
CA PRO A 213 5.62 -9.95 24.03
C PRO A 213 5.34 -8.45 24.16
N HIS A 214 6.02 -7.64 23.37
CA HIS A 214 5.88 -6.19 23.46
C HIS A 214 4.99 -5.60 22.36
N VAL A 215 4.42 -6.47 21.52
CA VAL A 215 3.53 -6.02 20.44
C VAL A 215 2.08 -6.05 20.89
N VAL A 216 1.46 -4.89 20.97
CA VAL A 216 0.08 -4.79 21.46
CA VAL A 216 0.09 -4.80 21.47
C VAL A 216 -0.93 -5.23 20.42
N LYS A 217 -0.56 -5.09 19.14
CA LYS A 217 -1.47 -5.44 18.06
C LYS A 217 -0.72 -5.74 16.78
N TRP A 218 -1.08 -6.85 16.14
CA TRP A 218 -0.57 -7.19 14.83
C TRP A 218 -1.66 -6.79 13.85
N TRP A 219 -1.49 -5.64 13.20
CA TRP A 219 -2.56 -5.00 12.45
C TRP A 219 -2.73 -5.53 11.04
N THR A 220 -3.91 -5.28 10.47
CA THR A 220 -4.19 -5.75 9.10
C THR A 220 -4.78 -4.67 8.20
N THR A 221 -5.41 -3.67 8.79
CA THR A 221 -6.09 -2.64 8.00
C THR A 221 -5.47 -1.26 8.16
N ALA A 222 -5.62 -0.41 7.15
CA ALA A 222 -4.99 0.90 7.14
C ALA A 222 -5.45 1.79 8.29
N ALA A 223 -6.68 1.58 8.74
CA ALA A 223 -7.24 2.41 9.80
C ALA A 223 -6.57 2.15 11.15
N GLN A 224 -5.98 0.97 11.32
CA GLN A 224 -5.54 0.56 12.66
C GLN A 224 -4.33 1.31 13.23
N PRO A 225 -3.21 1.36 12.48
CA PRO A 225 -2.06 2.02 13.11
C PRO A 225 -2.29 3.47 13.55
N PRO A 226 -2.94 4.30 12.72
CA PRO A 226 -3.18 5.68 13.17
C PRO A 226 -3.98 5.70 14.47
N GLN A 227 -5.00 4.84 14.55
CA GLN A 227 -5.82 4.74 15.75
C GLN A 227 -4.99 4.30 16.95
N LEU A 228 -4.22 3.24 16.78
CA LEU A 228 -3.40 2.72 17.87
C LEU A 228 -2.40 3.74 18.42
N ILE A 229 -1.81 4.53 17.55
CA ILE A 229 -0.81 5.50 17.98
C ILE A 229 -1.45 6.77 18.56
N LEU A 230 -2.56 7.21 17.97
CA LEU A 230 -3.27 8.39 18.47
C LEU A 230 -3.91 8.14 19.84
N ASP A 231 -4.39 6.93 20.05
CA ASP A 231 -5.01 6.55 21.32
C ASP A 231 -3.97 6.19 22.36
N GLY A 232 -2.70 6.23 21.98
CA GLY A 232 -1.62 5.92 22.88
C GLY A 232 -1.52 4.44 23.21
N GLU A 233 -2.28 3.61 22.50
CA GLU A 233 -2.23 2.17 22.71
C GLU A 233 -0.89 1.60 22.23
N ALA A 234 -0.28 2.27 21.25
CA ALA A 234 1.05 1.90 20.79
C ALA A 234 1.95 3.14 20.76
N ASP A 235 3.24 2.92 21.02
CA ASP A 235 4.20 4.02 21.07
C ASP A 235 5.06 4.11 19.81
N CYS A 237 5.41 2.08 15.64
CA CYS A 237 4.83 1.13 14.71
C CYS A 237 5.69 0.94 13.48
N LEU A 238 5.50 -0.21 12.83
CA LEU A 238 5.80 -0.35 11.41
C LEU A 238 4.45 -0.13 10.75
N ALA A 239 4.32 0.99 10.05
CA ALA A 239 3.00 1.44 9.59
C ALA A 239 3.11 2.19 8.26
N TYR A 240 1.98 2.36 7.58
CA TYR A 240 1.93 3.14 6.34
C TYR A 240 2.34 4.58 6.64
N THR A 241 3.18 5.16 5.79
CA THR A 241 3.67 6.51 6.04
C THR A 241 2.68 7.63 5.66
N GLY A 242 1.77 7.36 4.74
CA GLY A 242 0.84 8.37 4.28
C GLY A 242 -0.03 8.91 5.40
N SER A 243 -0.68 8.01 6.13
CA SER A 243 -1.54 8.43 7.24
C SER A 243 -0.74 9.20 8.27
N SER A 245 2.24 10.82 7.92
CA SER A 245 2.67 12.12 7.41
C SER A 245 1.55 13.13 7.55
N LYS A 246 0.33 12.71 7.22
CA LYS A 246 -0.78 13.62 7.30
C LYS A 246 -1.03 14.01 8.76
N LEU A 247 -1.00 13.03 9.66
CA LEU A 247 -1.22 13.33 11.09
C LEU A 247 -0.11 14.24 11.63
N ALA A 248 1.13 14.04 11.19
CA ALA A 248 2.21 14.92 11.64
C ALA A 248 1.96 16.34 11.17
N LEU A 249 1.50 16.50 9.94
CA LEU A 249 1.19 17.82 9.40
C LEU A 249 0.03 18.45 10.18
N GLU A 250 -0.88 17.60 10.67
CA GLU A 250 -1.98 18.09 11.50
C GLU A 250 -1.56 18.47 12.91
N GLY A 251 -0.34 18.12 13.30
CA GLY A 251 0.17 18.49 14.60
C GLY A 251 0.12 17.38 15.63
N ALA A 252 -0.19 16.16 15.19
CA ALA A 252 -0.14 15.00 16.07
C ALA A 252 1.30 14.80 16.52
N PRO A 253 1.49 14.22 17.71
CA PRO A 253 2.85 14.01 18.22
C PRO A 253 3.47 12.79 17.56
N ILE A 254 3.59 12.86 16.24
CA ILE A 254 4.03 11.73 15.44
C ILE A 254 5.20 12.14 14.55
N ASP A 255 6.22 11.29 14.48
CA ASP A 255 7.25 11.46 13.49
C ASP A 255 7.57 10.09 12.88
N LEU A 256 8.31 10.09 11.79
CA LEU A 256 8.60 8.84 11.10
C LEU A 256 9.88 9.01 10.32
N THR A 257 10.45 7.90 9.89
CA THR A 257 11.59 7.95 9.01
C THR A 257 11.42 6.91 7.93
N PHE A 258 11.94 7.20 6.74
CA PHE A 258 11.96 6.18 5.69
C PHE A 258 13.20 5.31 5.80
N ASN A 259 14.03 5.58 6.81
CA ASN A 259 15.22 4.77 7.02
C ASN A 259 14.87 3.31 7.23
N GLN A 260 15.44 2.46 6.37
CA GLN A 260 15.20 1.02 6.39
C GLN A 260 13.74 0.69 6.12
N GLY A 261 13.03 1.64 5.52
CA GLY A 261 11.61 1.46 5.24
C GLY A 261 11.33 0.79 3.90
N PHE A 262 10.07 0.80 3.51
CA PHE A 262 9.63 0.03 2.33
C PHE A 262 8.78 0.89 1.42
N VAL A 263 9.00 0.78 0.12
CA VAL A 263 8.22 1.53 -0.86
C VAL A 263 7.74 0.55 -1.91
N TYR A 264 6.45 0.58 -2.21
CA TYR A 264 5.92 -0.33 -3.22
C TYR A 264 4.76 0.29 -3.97
N TYR A 265 4.39 -0.36 -5.08
CA TYR A 265 3.33 0.16 -5.94
C TYR A 265 2.07 -0.69 -5.84
N ASP A 266 0.91 -0.02 -5.78
CA ASP A 266 -0.37 -0.70 -5.92
C ASP A 266 -0.74 -0.67 -7.40
N PHE A 267 -0.88 -1.85 -8.01
CA PHE A 267 -1.34 -1.97 -9.37
C PHE A 267 -2.85 -2.12 -9.39
N PHE A 268 -3.50 -1.34 -10.23
CA PHE A 268 -4.94 -1.45 -10.33
C PHE A 268 -5.34 -2.34 -11.48
N SER A 269 -6.18 -3.31 -11.16
CA SER A 269 -6.48 -4.40 -12.10
C SER A 269 -7.96 -4.71 -12.11
N ILE A 270 -8.44 -5.20 -13.25
CA ILE A 270 -9.85 -5.55 -13.40
C ILE A 270 -9.96 -7.06 -13.49
N PRO A 271 -10.72 -7.67 -12.58
CA PRO A 271 -10.82 -9.13 -12.64
C PRO A 271 -11.45 -9.61 -13.95
N LYS A 272 -10.97 -10.75 -14.44
CA LYS A 272 -11.59 -11.39 -15.59
C LYS A 272 -13.04 -11.71 -15.24
N GLY A 273 -13.97 -11.33 -16.12
CA GLY A 273 -15.38 -11.49 -15.82
C GLY A 273 -15.98 -10.46 -14.88
N ALA A 274 -15.27 -9.36 -14.65
CA ALA A 274 -15.82 -8.26 -13.83
C ALA A 274 -17.25 -7.96 -14.27
N PRO A 275 -18.15 -7.74 -13.31
CA PRO A 275 -19.55 -7.47 -13.67
C PRO A 275 -19.75 -6.16 -14.43
N ASN A 276 -18.90 -5.17 -14.17
CA ASN A 276 -19.06 -3.83 -14.80
C ASN A 276 -17.74 -3.38 -15.40
N TYR A 277 -17.22 -4.17 -16.33
CA TYR A 277 -15.94 -3.90 -16.96
C TYR A 277 -15.84 -2.49 -17.54
N ASP A 278 -16.83 -2.06 -18.32
CA ASP A 278 -16.72 -0.75 -18.97
C ASP A 278 -16.72 0.38 -17.94
N ASN A 279 -17.56 0.25 -16.91
CA ASN A 279 -17.57 1.25 -15.84
C ASN A 279 -16.24 1.28 -15.10
N ALA A 280 -15.60 0.12 -14.96
CA ALA A 280 -14.28 0.08 -14.32
C ALA A 280 -13.24 0.86 -15.12
N LEU A 281 -13.26 0.75 -16.45
CA LEU A 281 -12.34 1.52 -17.28
C LEU A 281 -12.62 3.01 -17.13
N LYS A 282 -13.90 3.38 -17.03
CA LYS A 282 -14.23 4.80 -16.83
C LYS A 282 -13.65 5.31 -15.51
N LEU A 283 -13.76 4.49 -14.46
CA LEU A 283 -13.22 4.90 -13.17
C LEU A 283 -11.69 4.95 -13.18
N LEU A 284 -11.06 4.01 -13.87
CA LEU A 284 -9.61 4.04 -14.02
C LEU A 284 -9.21 5.33 -14.74
N SER A 285 -9.93 5.66 -15.80
CA SER A 285 -9.67 6.91 -16.52
CA SER A 285 -9.69 6.92 -16.52
C SER A 285 -9.79 8.13 -15.60
N TRP A 286 -10.83 8.13 -14.77
CA TRP A 286 -11.09 9.21 -13.82
C TRP A 286 -9.94 9.36 -12.83
N ARG A 287 -9.43 8.23 -12.33
CA ARG A 287 -8.33 8.25 -11.37
C ARG A 287 -7.03 8.71 -12.01
N LEU A 288 -6.94 8.60 -13.34
CA LEU A 288 -5.72 8.99 -14.05
C LEU A 288 -5.72 10.43 -14.54
N ASP A 289 -6.77 11.19 -14.23
CA ASP A 289 -6.76 12.60 -14.65
C ASP A 289 -5.70 13.35 -13.86
N PRO A 290 -4.79 14.06 -14.55
CA PRO A 290 -3.70 14.74 -13.86
C PRO A 290 -4.17 15.69 -12.76
N LYS A 291 -5.15 16.54 -13.06
CA LYS A 291 -5.57 17.52 -12.08
C LYS A 291 -6.33 16.92 -10.91
N ARG A 292 -7.18 15.94 -11.20
CA ARG A 292 -7.94 15.31 -10.14
C ARG A 292 -7.01 14.48 -9.24
N ALA A 293 -6.04 13.79 -9.85
CA ALA A 293 -5.05 13.04 -9.09
C ALA A 293 -4.20 13.97 -8.24
N ALA A 294 -3.85 15.12 -8.78
CA ALA A 294 -3.09 16.09 -7.99
C ALA A 294 -3.91 16.56 -6.80
N GLN A 295 -5.20 16.78 -7.02
CA GLN A 295 -6.11 17.13 -5.92
C GLN A 295 -6.15 16.03 -4.84
N LEU A 296 -6.28 14.79 -5.28
CA LEU A 296 -6.33 13.68 -4.33
C LEU A 296 -5.03 13.60 -3.54
N THR A 297 -3.91 13.64 -4.26
CA THR A 297 -2.61 13.40 -3.66
C THR A 297 -2.15 14.60 -2.83
N SER A 298 -2.90 15.71 -2.92
CA SER A 298 -2.67 16.89 -2.09
CA SER A 298 -2.67 16.88 -2.08
C SER A 298 -3.61 16.90 -0.88
N THR A 299 -4.62 16.06 -0.90
CA THR A 299 -5.59 15.93 0.18
C THR A 299 -5.11 14.85 1.14
N PHE A 300 -4.52 13.79 0.58
CA PHE A 300 -4.00 12.70 1.41
C PHE A 300 -2.74 12.22 0.70
N PRO A 301 -1.61 12.13 1.42
CA PRO A 301 -0.33 12.01 0.72
C PRO A 301 0.05 10.60 0.31
N VAL A 302 -0.68 10.09 -0.68
CA VAL A 302 -0.31 8.87 -1.39
C VAL A 302 -0.16 9.30 -2.84
N ALA A 303 1.05 9.18 -3.37
CA ALA A 303 1.37 9.67 -4.71
C ALA A 303 0.85 8.73 -5.79
N LEU A 304 0.45 9.32 -6.92
CA LEU A 304 0.31 8.56 -8.15
C LEU A 304 1.62 8.73 -8.92
N PRO A 305 2.22 7.62 -9.36
CA PRO A 305 3.59 7.65 -9.90
C PRO A 305 3.71 8.12 -11.35
N SER A 306 3.28 9.35 -11.59
CA SER A 306 3.45 9.98 -12.89
C SER A 306 3.91 11.41 -12.65
N LYS A 307 4.87 11.86 -13.45
CA LYS A 307 5.43 13.20 -13.24
C LYS A 307 4.38 14.29 -13.41
N VAL A 308 3.39 14.09 -14.26
CA VAL A 308 2.42 15.14 -14.57
CA VAL A 308 2.47 15.18 -14.54
C VAL A 308 1.50 15.41 -13.39
N VAL A 309 1.37 14.42 -12.50
CA VAL A 309 0.58 14.63 -11.31
C VAL A 309 1.31 15.57 -10.36
N PHE A 310 2.61 15.38 -10.20
CA PHE A 310 3.45 16.35 -9.51
C PHE A 310 3.34 17.73 -10.18
N ASP A 311 3.41 17.76 -11.50
CA ASP A 311 3.38 19.05 -12.19
C ASP A 311 2.07 19.79 -11.96
N ALA A 312 0.98 19.05 -11.79
CA ALA A 312 -0.34 19.66 -11.60
C ALA A 312 -0.62 20.08 -10.16
N ALA A 313 0.22 19.67 -9.23
CA ALA A 313 -0.03 20.00 -7.82
C ALA A 313 0.18 21.48 -7.56
N THR A 314 -0.77 22.15 -6.89
CA THR A 314 -0.60 23.57 -6.62
C THR A 314 0.49 23.92 -5.57
N ASP A 315 0.65 23.08 -4.55
CA ASP A 315 1.80 23.25 -3.64
C ASP A 315 2.66 22.01 -3.73
N LYS A 316 3.82 22.16 -4.34
CA LYS A 316 4.65 21.01 -4.64
C LYS A 316 5.49 20.61 -3.44
N ASN A 317 5.47 21.40 -2.38
CA ASN A 317 6.17 21.01 -1.16
C ASN A 317 5.59 19.74 -0.52
N ILE A 318 4.33 19.43 -0.81
CA ILE A 318 3.71 18.26 -0.21
C ILE A 318 4.29 16.98 -0.78
N ALA A 319 5.02 17.10 -1.88
CA ALA A 319 5.68 15.95 -2.49
C ALA A 319 6.74 15.40 -1.59
N ARG A 320 7.17 16.17 -0.59
CA ARG A 320 8.20 15.67 0.29
C ARG A 320 7.68 14.48 1.10
N TYR A 321 6.36 14.38 1.24
CA TYR A 321 5.78 13.26 1.98
C TYR A 321 5.58 12.02 1.10
N TRP A 322 5.62 12.19 -0.22
CA TRP A 322 5.32 11.08 -1.13
C TRP A 322 6.38 10.00 -1.08
N ALA A 323 5.95 8.74 -1.21
CA ALA A 323 6.89 7.64 -1.06
C ALA A 323 7.84 7.53 -2.25
N ASN A 324 7.53 8.23 -3.35
CA ASN A 324 8.42 8.20 -4.51
C ASN A 324 9.35 9.42 -4.57
N ASN A 325 9.31 10.23 -3.52
CA ASN A 325 10.29 11.30 -3.41
C ASN A 325 11.67 10.67 -3.28
N PRO A 326 12.63 11.10 -4.13
CA PRO A 326 13.96 10.49 -4.17
C PRO A 326 14.66 10.43 -2.80
N GLU A 327 14.41 11.42 -1.95
CA GLU A 327 15.00 11.45 -0.61
C GLU A 327 14.47 10.29 0.22
N ASN A 328 13.17 10.04 0.11
CA ASN A 328 12.57 8.94 0.85
C ASN A 328 12.99 7.59 0.28
N VAL A 329 12.96 7.47 -1.04
CA VAL A 329 13.38 6.26 -1.71
C VAL A 329 14.82 5.88 -1.35
N ALA A 330 15.69 6.90 -1.25
CA ALA A 330 17.08 6.69 -0.91
C ALA A 330 17.26 6.03 0.45
N LYS A 331 16.47 6.45 1.43
CA LYS A 331 16.58 5.91 2.78
C LYS A 331 15.97 4.52 2.91
N ALA A 332 14.97 4.24 2.09
CA ALA A 332 14.27 2.96 2.18
C ALA A 332 15.11 1.83 1.62
N ILE A 333 14.74 0.59 1.93
CA ILE A 333 15.33 -0.56 1.26
C ILE A 333 14.74 -0.66 -0.14
N GLU A 334 15.24 -1.58 -0.93
CA GLU A 334 14.58 -1.92 -2.18
C GLU A 334 13.79 -3.19 -1.93
N TRP A 335 12.50 -3.01 -1.66
CA TRP A 335 11.63 -4.14 -1.35
C TRP A 335 11.51 -5.03 -2.58
N SER A 336 11.36 -6.33 -2.36
CA SER A 336 11.30 -7.27 -3.47
C SER A 336 9.96 -7.97 -3.62
N PRO A 337 9.04 -7.36 -4.38
CA PRO A 337 7.82 -8.10 -4.67
C PRO A 337 8.14 -9.42 -5.37
N ASP A 338 9.18 -9.42 -6.21
CA ASP A 338 9.59 -10.62 -6.92
C ASP A 338 9.87 -11.79 -5.96
N PHE A 339 10.60 -11.52 -4.87
CA PHE A 339 10.85 -12.55 -3.87
C PHE A 339 9.54 -13.09 -3.28
N TRP A 340 8.66 -12.18 -2.89
CA TRP A 340 7.47 -12.62 -2.17
C TRP A 340 6.51 -13.42 -3.05
N GLY A 341 6.57 -13.18 -4.35
CA GLY A 341 5.79 -13.96 -5.29
C GLY A 341 6.44 -15.21 -5.85
N ALA A 342 7.71 -15.46 -5.49
CA ALA A 342 8.44 -16.59 -6.04
C ALA A 342 8.01 -17.93 -5.42
N PRO A 343 8.30 -19.03 -6.11
CA PRO A 343 7.93 -20.33 -5.53
C PRO A 343 8.77 -20.57 -4.29
N SER A 344 8.13 -21.02 -3.21
CA SER A 344 8.86 -21.20 -1.96
C SER A 344 9.57 -22.53 -1.97
N PRO A 345 10.45 -22.75 -0.99
CA PRO A 345 11.09 -24.06 -0.85
C PRO A 345 10.05 -25.20 -0.77
N ALA A 346 8.86 -24.92 -0.23
CA ALA A 346 7.80 -25.93 -0.21
C ALA A 346 7.41 -26.32 -1.64
N GLY A 347 7.43 -25.34 -2.55
CA GLY A 347 7.24 -25.59 -3.96
C GLY A 347 5.85 -25.34 -4.49
N ASN A 348 4.84 -25.59 -3.65
CA ASN A 348 3.45 -25.46 -4.08
C ASN A 348 2.79 -24.19 -3.54
N SER A 349 3.59 -23.32 -2.95
CA SER A 349 3.13 -22.05 -2.42
C SER A 349 4.11 -20.97 -2.85
N THR A 350 3.69 -19.71 -2.80
CA THR A 350 4.64 -18.62 -2.96
C THR A 350 5.35 -18.42 -1.64
N ASN A 351 6.47 -17.71 -1.68
CA ASN A 351 7.18 -17.39 -0.45
C ASN A 351 6.27 -16.67 0.54
N GLU A 352 5.39 -15.81 0.02
CA GLU A 352 4.53 -15.05 0.92
C GLU A 352 3.53 -15.98 1.65
N GLU A 353 2.96 -16.91 0.90
CA GLU A 353 2.01 -17.87 1.48
C GLU A 353 2.69 -18.74 2.54
N TYR A 354 3.88 -19.21 2.21
CA TYR A 354 4.72 -20.03 3.11
C TYR A 354 5.01 -19.24 4.38
N GLY A 355 5.45 -17.99 4.21
CA GLY A 355 5.68 -17.11 5.34
C GLY A 355 4.44 -16.86 6.19
N GLN A 356 3.30 -16.70 5.54
CA GLN A 356 2.05 -16.47 6.25
C GLN A 356 1.65 -17.69 7.10
N GLU A 357 1.89 -18.89 6.56
CA GLU A 357 1.59 -20.10 7.30
C GLU A 357 2.39 -20.10 8.58
N LYS A 358 3.69 -19.85 8.43
CA LYS A 358 4.58 -19.85 9.58
C LYS A 358 4.16 -18.79 10.60
N LEU A 359 3.81 -17.62 10.10
CA LEU A 359 3.42 -16.54 10.99
C LEU A 359 2.08 -16.83 11.67
N ASN A 360 1.13 -17.37 10.91
CA ASN A 360 -0.17 -17.77 11.46
C ASN A 360 0.03 -18.58 12.73
N ALA A 361 0.96 -19.53 12.66
CA ALA A 361 1.24 -20.44 13.77
C ALA A 361 1.87 -19.72 14.97
N LEU A 363 1.19 -16.19 15.74
CA LEU A 363 0.23 -15.21 16.26
C LEU A 363 -0.98 -15.89 16.91
#